data_3ZRX
#
_entry.id   3ZRX
#
_cell.length_a   36.110
_cell.length_b   57.400
_cell.length_c   51.620
_cell.angle_alpha   90.00
_cell.angle_beta   107.32
_cell.angle_gamma   90.00
#
_symmetry.space_group_name_H-M   'P 1 21 1'
#
loop_
_entity.id
_entity.type
_entity.pdbx_description
1 polymer 'AF1503 PROTEIN, OSMOLARITY SENSOR PROTEIN ENVZ'
2 water water
#
_entity_poly.entity_id   1
_entity_poly.type   'polypeptide(L)'
_entity_poly.pdbx_seq_one_letter_code
;GSHMSTITRPIIELSNTFDKIAEGNLEAEVPHQNRADEIGILAKSIERLRRSLKQLADDRTLLMAGVSHDLRTPLTRIRL
ATEMMSEQDGYLAESINKDIEECNAIIEQFIDYLR
;
_entity_poly.pdbx_strand_id   A,B
#
# COMPACT_ATOMS: atom_id res chain seq x y z
N SER A 5 28.82 0.77 -26.96
CA SER A 5 28.14 0.52 -28.23
C SER A 5 27.20 1.60 -28.52
N THR A 6 26.59 1.63 -29.69
CA THR A 6 25.57 2.60 -30.06
C THR A 6 24.27 2.48 -29.23
N ILE A 7 24.09 1.37 -28.50
CA ILE A 7 22.91 1.22 -27.63
C ILE A 7 23.19 1.37 -26.14
N THR A 8 24.46 1.58 -25.77
CA THR A 8 24.83 1.71 -24.39
C THR A 8 24.07 2.87 -23.72
N ARG A 9 24.03 4.01 -24.38
CA ARG A 9 23.33 5.21 -23.90
CA ARG A 9 23.37 5.17 -23.79
C ARG A 9 21.90 4.92 -23.46
N PRO A 10 21.06 4.45 -24.40
CA PRO A 10 19.67 4.20 -24.00
C PRO A 10 19.54 3.07 -22.96
N ILE A 11 20.39 2.08 -23.01
CA ILE A 11 20.30 1.03 -21.99
C ILE A 11 20.54 1.59 -20.61
N ILE A 12 21.58 2.40 -20.42
CA ILE A 12 21.83 3.00 -19.15
C ILE A 12 20.77 4.03 -18.75
N GLU A 13 20.25 4.76 -19.69
CA GLU A 13 19.16 5.68 -19.42
C GLU A 13 17.91 4.93 -18.90
N LEU A 14 17.57 3.84 -19.56
CA LEU A 14 16.45 3.01 -19.13
C LEU A 14 16.71 2.43 -17.75
N SER A 15 17.94 2.03 -17.46
CA SER A 15 18.26 1.54 -16.11
CA SER A 15 18.31 1.55 -16.11
CA SER A 15 18.26 1.56 -16.10
C SER A 15 18.08 2.60 -15.04
N ASN A 16 18.47 3.84 -15.37
CA ASN A 16 18.30 4.94 -14.47
C ASN A 16 16.78 5.23 -14.26
N THR A 17 15.98 5.10 -15.32
CA THR A 17 14.53 5.29 -15.22
C THR A 17 13.97 4.20 -14.29
N PHE A 18 14.36 2.94 -14.52
CA PHE A 18 13.85 1.85 -13.72
C PHE A 18 14.22 2.10 -12.26
N ASP A 19 15.43 2.52 -11.97
CA ASP A 19 15.86 2.78 -10.61
C ASP A 19 14.98 3.88 -9.94
N LYS A 20 14.66 4.92 -10.70
CA LYS A 20 13.79 6.03 -10.19
C LYS A 20 12.41 5.54 -9.89
N ILE A 21 11.87 4.70 -10.75
CA ILE A 21 10.58 4.14 -10.46
C ILE A 21 10.61 3.24 -9.22
N ALA A 22 11.62 2.35 -9.12
CA ALA A 22 11.71 1.39 -8.05
C ALA A 22 11.77 2.09 -6.73
N GLU A 23 12.39 3.32 -6.69
CA GLU A 23 12.53 4.14 -5.53
C GLU A 23 11.24 4.86 -5.19
N GLY A 24 10.26 4.84 -6.02
CA GLY A 24 8.99 5.44 -5.72
C GLY A 24 8.49 6.50 -6.63
N ASN A 25 9.24 6.87 -7.69
CA ASN A 25 8.75 7.89 -8.62
C ASN A 25 7.90 7.18 -9.66
N LEU A 26 6.66 6.88 -9.27
CA LEU A 26 5.82 6.06 -10.08
C LEU A 26 5.29 6.77 -11.32
N GLU A 27 5.44 8.07 -11.37
CA GLU A 27 5.05 8.83 -12.53
C GLU A 27 6.17 9.15 -13.48
N ALA A 28 7.35 8.59 -13.26
CA ALA A 28 8.45 8.82 -14.21
C ALA A 28 8.04 8.54 -15.62
N GLU A 29 8.56 9.28 -16.57
CA GLU A 29 8.39 9.04 -17.98
C GLU A 29 9.41 8.01 -18.46
N VAL A 30 8.97 7.00 -19.17
CA VAL A 30 9.83 5.94 -19.67
C VAL A 30 10.13 6.29 -21.12
N PRO A 31 11.42 6.61 -21.42
CA PRO A 31 11.72 7.02 -22.76
C PRO A 31 11.83 5.82 -23.73
N HIS A 32 11.82 6.13 -25.04
CA HIS A 32 12.15 5.24 -26.15
C HIS A 32 11.11 4.17 -26.40
N GLN A 33 9.89 4.37 -25.90
CA GLN A 33 8.86 3.36 -26.12
C GLN A 33 8.40 3.28 -27.55
N ASN A 34 8.56 4.32 -28.32
CA ASN A 34 8.20 4.39 -29.74
CA ASN A 34 8.07 4.23 -29.72
C ASN A 34 9.09 3.59 -30.68
N ARG A 35 10.24 3.18 -30.19
CA ARG A 35 11.19 2.47 -31.02
C ARG A 35 10.69 1.02 -31.28
N ALA A 36 10.96 0.50 -32.46
CA ALA A 36 10.63 -0.92 -32.76
C ALA A 36 11.75 -1.95 -32.46
N ASP A 37 12.96 -1.45 -32.25
CA ASP A 37 14.11 -2.30 -32.01
C ASP A 37 14.16 -2.82 -30.56
N GLU A 38 15.27 -3.46 -30.20
CA GLU A 38 15.46 -3.99 -28.83
C GLU A 38 15.24 -2.95 -27.80
N ILE A 39 15.65 -1.71 -28.10
CA ILE A 39 15.52 -0.68 -27.12
C ILE A 39 14.03 -0.33 -26.82
N GLY A 40 13.23 -0.31 -27.87
CA GLY A 40 11.85 -0.06 -27.72
C GLY A 40 11.15 -1.19 -27.04
N ILE A 41 11.53 -2.45 -27.35
CA ILE A 41 10.95 -3.59 -26.66
C ILE A 41 11.23 -3.48 -25.16
N LEU A 42 12.44 -3.20 -24.81
CA LEU A 42 12.79 -3.03 -23.44
C LEU A 42 12.02 -1.91 -22.75
N ALA A 43 11.98 -0.78 -23.39
CA ALA A 43 11.30 0.39 -22.82
C ALA A 43 9.82 0.09 -22.55
N LYS A 44 9.16 -0.59 -23.51
CA LYS A 44 7.78 -0.96 -23.28
C LYS A 44 7.63 -1.87 -22.09
N SER A 45 8.54 -2.82 -21.94
CA SER A 45 8.49 -3.67 -20.74
C SER A 45 8.64 -2.97 -19.43
N ILE A 46 9.51 -1.97 -19.40
CA ILE A 46 9.69 -1.17 -18.25
C ILE A 46 8.44 -0.29 -17.94
N GLU A 47 7.80 0.18 -18.98
CA GLU A 47 6.52 0.83 -18.86
C GLU A 47 5.51 -0.07 -18.25
N ARG A 48 5.45 -1.35 -18.63
CA ARG A 48 4.49 -2.26 -18.02
C ARG A 48 4.76 -2.43 -16.54
N LEU A 49 6.03 -2.55 -16.15
CA LEU A 49 6.40 -2.61 -14.74
C LEU A 49 5.92 -1.39 -14.00
N ARG A 50 6.16 -0.21 -14.55
CA ARG A 50 5.72 1.03 -13.90
C ARG A 50 4.23 1.06 -13.68
N ARG A 51 3.50 0.68 -14.70
CA ARG A 51 2.05 0.63 -14.61
C ARG A 51 1.58 -0.33 -13.56
N SER A 52 2.23 -1.47 -13.46
CA SER A 52 1.86 -2.46 -12.38
C SER A 52 2.12 -1.92 -11.00
N LEU A 53 3.26 -1.24 -10.83
CA LEU A 53 3.59 -0.61 -9.52
CA LEU A 53 3.59 -0.70 -9.54
C LEU A 53 2.58 0.44 -9.19
N LYS A 54 2.24 1.30 -10.14
CA LYS A 54 1.30 2.37 -9.90
C LYS A 54 -0.07 1.77 -9.61
N GLN A 55 -0.44 0.69 -10.25
CA GLN A 55 -1.73 0.08 -9.97
C GLN A 55 -1.80 -0.49 -8.54
N LEU A 56 -0.75 -1.15 -8.08
CA LEU A 56 -0.71 -1.63 -6.72
C LEU A 56 -0.78 -0.53 -5.73
N ALA A 57 -0.04 0.57 -5.91
CA ALA A 57 -0.10 1.72 -5.06
C ALA A 57 -1.50 2.30 -5.00
N ASP A 58 -2.13 2.40 -6.13
CA ASP A 58 -3.46 2.98 -6.25
C ASP A 58 -4.46 2.07 -5.54
N ASP A 59 -4.27 0.77 -5.69
CA ASP A 59 -5.17 -0.20 -5.00
C ASP A 59 -5.12 -0.04 -3.50
N ARG A 60 -3.92 0.06 -2.97
CA ARG A 60 -3.74 0.25 -1.58
C ARG A 60 -4.42 1.48 -1.03
N THR A 61 -4.20 2.61 -1.73
CA THR A 61 -4.79 3.88 -1.38
C THR A 61 -6.31 3.80 -1.38
N LEU A 62 -6.87 3.12 -2.38
CA LEU A 62 -8.30 2.97 -2.54
C LEU A 62 -8.90 2.18 -1.37
N LEU A 63 -8.23 1.08 -1.04
CA LEU A 63 -8.68 0.28 0.08
C LEU A 63 -8.68 1.06 1.36
N MET A 64 -7.65 1.82 1.63
CA MET A 64 -7.58 2.61 2.85
C MET A 64 -8.62 3.73 2.86
N ALA A 65 -8.90 4.33 1.71
CA ALA A 65 -9.97 5.28 1.65
C ALA A 65 -11.32 4.62 1.97
N GLY A 66 -11.50 3.39 1.56
CA GLY A 66 -12.71 2.64 1.90
C GLY A 66 -12.80 2.39 3.40
N VAL A 67 -11.70 2.03 4.03
CA VAL A 67 -11.68 1.86 5.48
C VAL A 67 -12.07 3.12 6.15
N SER A 68 -11.45 4.21 5.76
CA SER A 68 -11.82 5.48 6.32
CA SER A 68 -11.88 5.53 6.29
C SER A 68 -13.34 5.83 6.17
N HIS A 69 -13.86 5.62 4.94
CA HIS A 69 -15.31 5.84 4.70
C HIS A 69 -16.18 5.09 5.68
N ASP A 70 -15.89 3.82 5.84
CA ASP A 70 -16.76 2.97 6.61
C ASP A 70 -16.61 3.33 8.09
N LEU A 71 -15.43 3.66 8.57
CA LEU A 71 -15.26 3.95 9.98
C LEU A 71 -15.72 5.30 10.40
N ARG A 72 -15.91 6.17 9.44
CA ARG A 72 -16.18 7.56 9.81
C ARG A 72 -17.46 7.73 10.54
N THR A 73 -18.47 7.01 10.13
CA THR A 73 -19.79 7.09 10.76
C THR A 73 -19.78 6.64 12.21
N PRO A 74 -19.38 5.40 12.50
CA PRO A 74 -19.32 5.03 13.95
C PRO A 74 -18.37 5.85 14.76
N LEU A 75 -17.22 6.24 14.22
CA LEU A 75 -16.33 7.04 15.04
C LEU A 75 -16.94 8.42 15.28
N THR A 76 -17.71 8.99 14.33
CA THR A 76 -18.39 10.24 14.58
C THR A 76 -19.42 10.14 15.67
N ARG A 77 -20.17 9.05 15.65
CA ARG A 77 -21.19 8.78 16.61
C ARG A 77 -20.50 8.67 17.96
N ILE A 78 -19.35 8.01 18.10
CA ILE A 78 -18.67 7.95 19.40
C ILE A 78 -18.26 9.35 19.86
N ARG A 79 -17.74 10.20 18.97
CA ARG A 79 -17.34 11.54 19.33
C ARG A 79 -18.54 12.29 19.82
N LEU A 80 -19.68 12.20 19.18
CA LEU A 80 -20.86 12.89 19.61
C LEU A 80 -21.29 12.44 21.01
N ALA A 81 -21.27 11.11 21.23
CA ALA A 81 -21.62 10.58 22.52
C ALA A 81 -20.73 11.16 23.59
N THR A 82 -19.43 11.29 23.32
CA THR A 82 -18.56 11.78 24.38
C THR A 82 -18.93 13.20 24.81
N GLU A 83 -19.48 13.97 23.88
CA GLU A 83 -19.87 15.39 24.18
C GLU A 83 -21.03 15.46 25.13
N MET A 84 -21.73 14.35 25.29
CA MET A 84 -22.89 14.26 26.14
CA MET A 84 -22.90 14.26 26.17
C MET A 84 -22.59 13.68 27.55
N MET A 85 -21.38 13.20 27.76
CA MET A 85 -21.01 12.53 29.00
C MET A 85 -20.99 13.55 30.14
N SER A 86 -21.30 13.07 31.31
CA SER A 86 -21.30 13.89 32.51
C SER A 86 -19.90 14.47 32.79
N GLU A 87 -19.87 15.57 33.54
CA GLU A 87 -18.60 16.16 33.97
C GLU A 87 -17.81 15.18 34.77
N GLN A 88 -18.46 14.39 35.61
CA GLN A 88 -17.68 13.44 36.46
C GLN A 88 -16.97 12.37 35.61
N ASP A 89 -17.50 12.16 34.42
CA ASP A 89 -16.90 11.20 33.47
C ASP A 89 -16.03 11.90 32.44
N GLY A 90 -15.58 13.11 32.72
CA GLY A 90 -14.66 13.85 31.86
C GLY A 90 -13.42 13.09 31.50
N TYR A 91 -12.84 12.44 32.47
CA TYR A 91 -11.64 11.67 32.23
C TYR A 91 -11.82 10.64 31.20
N LEU A 92 -13.00 10.01 31.15
CA LEU A 92 -13.28 9.01 30.18
C LEU A 92 -13.61 9.62 28.82
N ALA A 93 -14.36 10.73 28.78
CA ALA A 93 -14.58 11.40 27.53
C ALA A 93 -13.25 11.78 26.86
N GLU A 94 -12.32 12.26 27.67
CA GLU A 94 -11.00 12.64 27.18
C GLU A 94 -10.20 11.46 26.67
N SER A 95 -10.24 10.37 27.39
CA SER A 95 -9.58 9.18 26.94
C SER A 95 -10.16 8.64 25.64
N ILE A 96 -11.49 8.58 25.54
CA ILE A 96 -12.07 8.06 24.33
C ILE A 96 -11.75 8.93 23.17
N ASN A 97 -11.78 10.27 23.34
CA ASN A 97 -11.43 11.17 22.24
C ASN A 97 -9.98 10.93 21.81
N LYS A 98 -9.04 10.70 22.73
CA LYS A 98 -7.70 10.36 22.35
C LYS A 98 -7.65 9.08 21.59
N ASP A 99 -8.49 8.09 21.96
CA ASP A 99 -8.50 6.89 21.20
C ASP A 99 -9.07 7.03 19.80
N ILE A 100 -10.09 7.87 19.59
CA ILE A 100 -10.58 8.15 18.26
C ILE A 100 -9.50 8.80 17.42
N GLU A 101 -8.78 9.74 18.01
CA GLU A 101 -7.64 10.37 17.32
C GLU A 101 -6.60 9.33 16.95
N GLU A 102 -6.39 8.35 17.79
CA GLU A 102 -5.46 7.31 17.41
C GLU A 102 -5.96 6.44 16.28
N CYS A 103 -7.26 6.13 16.20
CA CYS A 103 -7.80 5.43 15.05
C CYS A 103 -7.54 6.20 13.80
N ASN A 104 -7.81 7.49 13.83
CA ASN A 104 -7.63 8.30 12.68
C ASN A 104 -6.16 8.32 12.28
N ALA A 105 -5.26 8.42 13.26
CA ALA A 105 -3.84 8.43 13.00
C ALA A 105 -3.35 7.15 12.42
N ILE A 106 -3.81 6.03 12.90
CA ILE A 106 -3.41 4.71 12.37
C ILE A 106 -3.78 4.64 10.89
N ILE A 107 -5.01 5.06 10.53
CA ILE A 107 -5.43 5.07 9.15
C ILE A 107 -4.53 5.93 8.29
N GLU A 108 -4.26 7.14 8.76
CA GLU A 108 -3.39 8.05 8.05
C GLU A 108 -1.99 7.43 7.84
N GLN A 109 -1.47 6.80 8.87
CA GLN A 109 -0.18 6.15 8.84
C GLN A 109 -0.10 5.04 7.80
N PHE A 110 -1.14 4.22 7.73
CA PHE A 110 -1.22 3.23 6.65
C PHE A 110 -1.21 3.87 5.29
N ILE A 111 -1.99 4.94 5.09
CA ILE A 111 -1.98 5.62 3.80
C ILE A 111 -0.61 6.11 3.41
N ASP A 112 0.10 6.63 4.36
CA ASP A 112 1.43 7.21 4.17
C ASP A 112 2.58 6.23 4.24
N TYR A 113 2.31 4.92 4.32
CA TYR A 113 3.34 3.88 4.40
C TYR A 113 4.23 3.95 5.61
N LEU A 114 3.71 4.52 6.69
CA LEU A 114 4.32 4.49 7.97
C LEU A 114 4.00 3.23 8.76
N ARG A 115 2.98 2.50 8.33
CA ARG A 115 2.58 1.16 8.80
C ARG A 115 2.35 0.31 7.56
N THR B 6 23.58 -10.14 -30.89
CA THR B 6 24.51 -9.08 -30.45
C THR B 6 24.59 -9.20 -28.88
N ILE B 7 24.20 -8.16 -28.20
CA ILE B 7 23.64 -8.27 -26.87
C ILE B 7 22.10 -8.31 -27.05
N THR B 8 21.63 -8.60 -28.25
CA THR B 8 20.20 -8.67 -28.55
C THR B 8 19.46 -9.72 -27.71
N ARG B 9 19.98 -10.94 -27.68
CA ARG B 9 19.33 -12.02 -26.96
C ARG B 9 19.18 -11.70 -25.48
N PRO B 10 20.22 -11.19 -24.81
CA PRO B 10 19.98 -10.91 -23.40
C PRO B 10 18.99 -9.81 -23.15
N ILE B 11 18.96 -8.81 -24.00
CA ILE B 11 17.95 -7.75 -23.86
C ILE B 11 16.52 -8.26 -24.03
N ILE B 12 16.32 -9.12 -25.03
CA ILE B 12 15.04 -9.70 -25.20
C ILE B 12 14.65 -10.61 -24.06
N GLU B 13 15.61 -11.34 -23.50
CA GLU B 13 15.32 -12.20 -22.33
C GLU B 13 14.94 -11.32 -21.15
N LEU B 14 15.60 -10.20 -20.96
CA LEU B 14 15.28 -9.29 -19.86
CA LEU B 14 15.32 -9.34 -19.89
C LEU B 14 13.92 -8.71 -20.08
N SER B 15 13.57 -8.26 -21.27
CA SER B 15 12.27 -7.69 -21.54
CA SER B 15 12.23 -7.70 -21.50
C SER B 15 11.16 -8.72 -21.32
N ASN B 16 11.41 -9.96 -21.73
CA ASN B 16 10.45 -11.02 -21.52
C ASN B 16 10.20 -11.26 -20.04
N THR B 17 11.26 -11.21 -19.29
CA THR B 17 11.13 -11.41 -17.82
C THR B 17 10.38 -10.20 -17.21
N PHE B 18 10.74 -9.01 -17.62
CA PHE B 18 10.03 -7.83 -17.14
C PHE B 18 8.53 -7.90 -17.40
N ASP B 19 8.19 -8.41 -18.58
CA ASP B 19 6.80 -8.63 -18.94
C ASP B 19 6.15 -9.62 -17.97
N LYS B 20 6.81 -10.77 -17.72
CA LYS B 20 6.20 -11.78 -16.93
C LYS B 20 5.97 -11.29 -15.48
N ILE B 21 6.94 -10.52 -14.99
CA ILE B 21 6.82 -9.94 -13.69
C ILE B 21 5.68 -8.94 -13.60
N ALA B 22 5.59 -8.03 -14.60
CA ALA B 22 4.54 -7.05 -14.61
C ALA B 22 3.18 -7.69 -14.62
N GLU B 23 3.08 -8.86 -15.24
CA GLU B 23 1.79 -9.53 -15.33
CA GLU B 23 1.86 -9.70 -15.34
C GLU B 23 1.47 -10.40 -14.10
N GLY B 24 2.36 -10.50 -13.13
CA GLY B 24 2.06 -11.14 -11.87
C GLY B 24 3.07 -12.12 -11.35
N ASN B 25 4.02 -12.57 -12.20
CA ASN B 25 5.01 -13.54 -11.70
C ASN B 25 6.09 -12.82 -10.96
N LEU B 26 5.79 -12.41 -9.73
CA LEU B 26 6.65 -11.55 -9.00
C LEU B 26 7.90 -12.26 -8.47
N GLU B 27 7.93 -13.59 -8.50
CA GLU B 27 9.05 -14.33 -8.05
C GLU B 27 9.94 -14.77 -9.19
N ALA B 28 9.65 -14.37 -10.44
CA ALA B 28 10.47 -14.77 -11.59
C ALA B 28 11.90 -14.29 -11.30
N GLU B 29 12.88 -15.07 -11.72
CA GLU B 29 14.27 -14.69 -11.55
CA GLU B 29 14.27 -14.70 -11.57
C GLU B 29 14.66 -13.76 -12.71
N VAL B 30 15.24 -12.62 -12.41
CA VAL B 30 15.67 -11.66 -13.38
C VAL B 30 17.05 -12.15 -13.90
N PRO B 31 17.15 -12.44 -15.19
CA PRO B 31 18.41 -12.90 -15.71
C PRO B 31 19.45 -11.77 -15.84
N HIS B 32 20.69 -12.17 -15.97
CA HIS B 32 21.78 -11.30 -16.40
C HIS B 32 22.24 -10.31 -15.36
N GLN B 33 21.88 -10.48 -14.09
CA GLN B 33 22.26 -9.58 -13.08
C GLN B 33 23.78 -9.58 -12.82
N ASN B 34 24.43 -10.69 -13.13
CA ASN B 34 25.85 -10.81 -12.95
C ASN B 34 26.67 -10.58 -14.21
N ARG B 35 26.09 -10.01 -15.24
CA ARG B 35 26.91 -9.56 -16.35
C ARG B 35 27.69 -8.34 -15.99
N ALA B 36 28.86 -8.21 -16.58
CA ALA B 36 29.78 -7.14 -16.25
C ALA B 36 29.54 -5.85 -17.07
N ASP B 37 28.78 -5.95 -18.12
CA ASP B 37 28.54 -4.79 -18.97
C ASP B 37 27.22 -4.11 -18.63
N GLU B 38 26.74 -3.27 -19.53
CA GLU B 38 25.55 -2.46 -19.25
C GLU B 38 24.29 -3.26 -19.10
N ILE B 39 24.30 -4.43 -19.67
CA ILE B 39 23.15 -5.31 -19.53
C ILE B 39 22.99 -5.74 -18.07
N GLY B 40 24.06 -5.95 -17.37
CA GLY B 40 24.06 -6.26 -15.95
C GLY B 40 23.52 -5.09 -15.15
N ILE B 41 23.89 -3.88 -15.50
CA ILE B 41 23.37 -2.70 -14.88
C ILE B 41 21.81 -2.62 -15.05
N LEU B 42 21.37 -2.85 -16.25
CA LEU B 42 19.94 -2.88 -16.52
C LEU B 42 19.25 -3.96 -15.75
N ALA B 43 19.82 -5.16 -15.75
CA ALA B 43 19.23 -6.27 -15.06
C ALA B 43 19.07 -6.01 -13.58
N LYS B 44 20.08 -5.41 -12.95
CA LYS B 44 19.96 -5.07 -11.56
C LYS B 44 18.85 -4.10 -11.34
N SER B 45 18.65 -3.13 -12.22
CA SER B 45 17.56 -2.16 -12.08
CA SER B 45 17.57 -2.16 -12.06
C SER B 45 16.20 -2.82 -12.21
N ILE B 46 16.09 -3.78 -13.11
CA ILE B 46 14.85 -4.54 -13.24
CA ILE B 46 14.84 -4.55 -13.24
C ILE B 46 14.57 -5.34 -11.97
N GLU B 47 15.62 -5.90 -11.38
CA GLU B 47 15.53 -6.63 -10.09
C GLU B 47 15.05 -5.68 -9.02
N ARG B 48 15.51 -4.43 -8.99
CA ARG B 48 14.98 -3.52 -8.03
C ARG B 48 13.47 -3.26 -8.26
N LEU B 49 13.03 -3.12 -9.51
CA LEU B 49 11.60 -2.99 -9.79
CA LEU B 49 11.61 -2.98 -9.77
C LEU B 49 10.85 -4.20 -9.30
N ARG B 50 11.38 -5.39 -9.58
CA ARG B 50 10.68 -6.61 -9.11
C ARG B 50 10.56 -6.58 -7.59
N ARG B 51 11.61 -6.23 -6.88
CA ARG B 51 11.53 -6.21 -5.45
C ARG B 51 10.50 -5.18 -4.93
N SER B 52 10.42 -4.03 -5.55
CA SER B 52 9.42 -3.05 -5.22
C SER B 52 8.02 -3.57 -5.44
N LEU B 53 7.79 -4.25 -6.56
CA LEU B 53 6.52 -4.82 -6.85
C LEU B 53 6.11 -5.85 -5.84
N LYS B 54 7.04 -6.75 -5.56
CA LYS B 54 6.73 -7.82 -4.63
CA LYS B 54 6.80 -7.81 -4.61
C LYS B 54 6.44 -7.24 -3.24
N GLN B 55 7.16 -6.19 -2.81
CA GLN B 55 6.92 -5.53 -1.52
C GLN B 55 5.51 -4.99 -1.50
N LEU B 56 5.11 -4.28 -2.56
N LEU B 56 5.09 -4.26 -2.55
CA LEU B 56 3.82 -3.63 -2.60
CA LEU B 56 3.76 -3.69 -2.56
C LEU B 56 2.68 -4.60 -2.77
C LEU B 56 2.73 -4.77 -2.56
N ALA B 57 2.95 -5.77 -3.41
CA ALA B 57 2.00 -6.78 -3.55
C ALA B 57 1.74 -7.41 -2.19
N ASP B 58 2.80 -7.81 -1.51
CA ASP B 58 2.70 -8.45 -0.18
C ASP B 58 2.01 -7.47 0.77
N ASP B 59 2.34 -6.18 0.67
CA ASP B 59 1.75 -5.16 1.56
C ASP B 59 0.21 -5.07 1.34
N ARG B 60 -0.23 -5.10 0.06
CA ARG B 60 -1.65 -4.99 -0.33
C ARG B 60 -2.35 -6.22 0.24
N THR B 61 -1.74 -7.40 0.14
CA THR B 61 -2.36 -8.60 0.66
C THR B 61 -2.49 -8.60 2.17
N LEU B 62 -1.55 -8.01 2.89
CA LEU B 62 -1.53 -8.05 4.34
C LEU B 62 -2.17 -6.80 4.96
N LEU B 63 -2.71 -5.90 4.14
CA LEU B 63 -3.15 -4.65 4.60
C LEU B 63 -4.27 -4.78 5.63
N MET B 64 -5.34 -5.50 5.26
CA MET B 64 -6.45 -5.55 6.16
C MET B 64 -6.17 -6.17 7.51
N ALA B 65 -5.35 -7.19 7.50
CA ALA B 65 -4.96 -7.82 8.74
C ALA B 65 -4.20 -6.85 9.59
N GLY B 66 -3.37 -6.03 8.95
CA GLY B 66 -2.60 -5.06 9.68
C GLY B 66 -3.48 -3.97 10.30
N VAL B 67 -4.38 -3.46 9.49
CA VAL B 67 -5.28 -2.41 9.89
C VAL B 67 -6.12 -2.90 11.07
N SER B 68 -6.66 -4.15 10.90
CA SER B 68 -7.43 -4.68 12.04
C SER B 68 -6.63 -4.84 13.33
N HIS B 69 -5.40 -5.34 13.18
CA HIS B 69 -4.57 -5.52 14.30
C HIS B 69 -4.29 -4.21 14.99
N ASP B 70 -3.96 -3.18 14.26
CA ASP B 70 -3.58 -1.93 14.85
C ASP B 70 -4.76 -1.20 15.41
N LEU B 71 -5.90 -1.25 14.78
CA LEU B 71 -7.06 -0.57 15.29
C LEU B 71 -7.60 -1.24 16.57
N ARG B 72 -7.28 -2.52 16.76
CA ARG B 72 -7.74 -3.22 17.90
C ARG B 72 -7.38 -2.52 19.19
N THR B 73 -6.17 -1.97 19.24
CA THR B 73 -5.74 -1.36 20.51
C THR B 73 -6.61 -0.16 20.95
N PRO B 74 -6.78 0.87 20.12
CA PRO B 74 -7.67 1.97 20.53
C PRO B 74 -9.10 1.56 20.68
N LEU B 75 -9.61 0.70 19.81
CA LEU B 75 -11.01 0.25 19.90
C LEU B 75 -11.25 -0.45 21.21
N THR B 76 -10.28 -1.28 21.64
CA THR B 76 -10.41 -1.96 22.95
C THR B 76 -10.34 -0.97 24.07
N ARG B 77 -9.53 0.09 23.93
CA ARG B 77 -9.49 1.07 25.00
C ARG B 77 -10.80 1.85 25.07
N ILE B 78 -11.47 2.09 23.96
CA ILE B 78 -12.76 2.75 24.01
C ILE B 78 -13.74 1.86 24.77
N ARG B 79 -13.74 0.54 24.44
CA ARG B 79 -14.64 -0.40 25.12
C ARG B 79 -14.33 -0.36 26.61
N LEU B 80 -13.06 -0.41 27.00
CA LEU B 80 -12.79 -0.42 28.41
CA LEU B 80 -12.68 -0.32 28.41
C LEU B 80 -13.28 0.89 29.05
N ALA B 81 -13.15 2.03 28.39
CA ALA B 81 -13.66 3.26 28.94
C ALA B 81 -15.16 3.18 29.16
N THR B 82 -15.88 2.52 28.26
CA THR B 82 -17.35 2.42 28.47
C THR B 82 -17.65 1.57 29.68
N GLU B 83 -16.80 0.57 29.94
CA GLU B 83 -16.98 -0.30 31.11
CA GLU B 83 -17.04 -0.30 31.08
C GLU B 83 -16.88 0.44 32.37
N MET B 84 -16.14 1.59 32.34
CA MET B 84 -15.92 2.43 33.49
C MET B 84 -16.85 3.59 33.60
N MET B 85 -17.75 3.77 32.69
CA MET B 85 -18.65 4.92 32.75
C MET B 85 -19.68 4.78 33.87
N SER B 86 -20.11 5.91 34.36
CA SER B 86 -21.04 5.92 35.48
C SER B 86 -22.43 5.40 35.06
N GLU B 87 -23.20 5.05 36.10
CA GLU B 87 -24.58 4.71 35.92
C GLU B 87 -25.35 5.79 35.15
N GLN B 88 -25.16 7.05 35.55
CA GLN B 88 -25.77 8.20 34.88
C GLN B 88 -25.50 8.19 33.38
N ASP B 89 -24.30 7.80 32.99
CA ASP B 89 -23.89 7.77 31.61
C ASP B 89 -24.05 6.36 30.98
N GLY B 90 -24.84 5.51 31.60
CA GLY B 90 -24.95 4.13 31.12
C GLY B 90 -25.46 4.06 29.68
N TYR B 91 -26.43 4.93 29.36
CA TYR B 91 -26.96 4.92 28.02
C TYR B 91 -25.92 5.25 26.95
N LEU B 92 -24.98 6.11 27.33
CA LEU B 92 -23.91 6.46 26.40
C LEU B 92 -22.88 5.36 26.32
N ALA B 93 -22.60 4.65 27.44
CA ALA B 93 -21.74 3.51 27.40
C ALA B 93 -22.30 2.49 26.43
N GLU B 94 -23.61 2.25 26.50
CA GLU B 94 -24.16 1.24 25.62
CA GLU B 94 -24.23 1.25 25.62
C GLU B 94 -24.11 1.68 24.16
N SER B 95 -24.39 2.96 23.89
CA SER B 95 -24.38 3.49 22.52
C SER B 95 -22.97 3.37 21.94
N ILE B 96 -21.99 3.77 22.71
CA ILE B 96 -20.58 3.73 22.24
C ILE B 96 -20.18 2.30 22.02
N ASN B 97 -20.52 1.40 22.93
CA ASN B 97 -20.17 0.04 22.74
C ASN B 97 -20.79 -0.54 21.46
N LYS B 98 -22.02 -0.15 21.14
CA LYS B 98 -22.58 -0.60 19.91
C LYS B 98 -21.85 -0.04 18.71
N ASP B 99 -21.38 1.22 18.80
CA ASP B 99 -20.54 1.78 17.79
C ASP B 99 -19.22 1.03 17.63
N ILE B 100 -18.59 0.59 18.72
CA ILE B 100 -17.42 -0.27 18.64
CA ILE B 100 -17.40 -0.26 18.59
C ILE B 100 -17.70 -1.60 17.95
N GLU B 101 -18.82 -2.24 18.33
CA GLU B 101 -19.21 -3.49 17.70
C GLU B 101 -19.38 -3.23 16.22
N GLU B 102 -19.94 -2.10 15.79
CA GLU B 102 -20.05 -1.77 14.41
C GLU B 102 -18.74 -1.53 13.74
N CYS B 103 -17.82 -0.89 14.41
CA CYS B 103 -16.48 -0.77 13.86
C CYS B 103 -15.85 -2.13 13.66
N ASN B 104 -16.00 -3.02 14.63
CA ASN B 104 -15.47 -4.38 14.48
C ASN B 104 -16.12 -5.10 13.34
N ALA B 105 -17.43 -4.99 13.18
CA ALA B 105 -18.15 -5.71 12.08
C ALA B 105 -17.69 -5.19 10.77
N ILE B 106 -17.53 -3.87 10.69
CA ILE B 106 -17.13 -3.20 9.45
C ILE B 106 -15.71 -3.68 8.99
N ILE B 107 -14.81 -3.79 9.97
CA ILE B 107 -13.47 -4.24 9.67
C ILE B 107 -13.45 -5.69 9.25
N GLU B 108 -14.20 -6.55 9.95
CA GLU B 108 -14.22 -7.95 9.65
C GLU B 108 -14.85 -8.22 8.30
N GLN B 109 -15.90 -7.49 7.95
CA GLN B 109 -16.71 -7.69 6.75
C GLN B 109 -16.07 -7.09 5.54
N PHE B 110 -15.04 -6.27 5.70
CA PHE B 110 -14.60 -5.42 4.58
C PHE B 110 -14.16 -6.28 3.44
N ILE B 111 -13.33 -7.28 3.73
CA ILE B 111 -12.83 -8.16 2.66
C ILE B 111 -13.90 -8.93 1.86
N ASP B 112 -15.03 -9.22 2.51
CA ASP B 112 -16.13 -9.88 1.81
C ASP B 112 -16.57 -9.10 0.54
N TYR B 113 -16.52 -7.77 0.59
CA TYR B 113 -16.91 -6.94 -0.56
C TYR B 113 -15.99 -7.10 -1.74
N LEU B 114 -14.73 -7.46 -1.48
CA LEU B 114 -13.72 -7.48 -2.53
C LEU B 114 -13.59 -8.89 -3.18
N ARG B 115 -14.30 -9.87 -2.60
CA ARG B 115 -14.31 -11.27 -2.94
C ARG B 115 -15.77 -11.54 -3.32
#